data_7B94
#
_entry.id   7B94
#
_cell.length_a   57.280
_cell.length_b   71.750
_cell.length_c   157.800
_cell.angle_alpha   90.000
_cell.angle_beta   90.000
_cell.angle_gamma   90.000
#
_symmetry.space_group_name_H-M   'P 21 21 21'
#
loop_
_entity.id
_entity.type
_entity.pdbx_description
1 polymer 'Dual specificity mitogen-activated protein kinase kinase 1,Dual specificity mitogen-activated protein kinase kinase 1'
2 non-polymer 'PHOSPHOAMINOPHOSPHONIC ACID-ADENYLATE ESTER'
3 non-polymer 'MAGNESIUM ION'
4 non-polymer 2-(4-iodophenyl)-8~{H}-imidazo[1,2-c]pyrimidin-5-one
5 non-polymer 'SULFATE ION'
6 water water
#
_entity_poly.entity_id   1
_entity_poly.type   'polypeptide(L)'
_entity_poly.pdbx_seq_one_letter_code
;MAHHHHHHAAAENLYFQLEELELDEQQRKRLEAFLTQKQKVGELKDDDFEKISELGAGNGGVVFKVSHKPSGLVMARKLI
HLEIKPAIRNQIIRELQVLHECNSPYIVGFYGAFYSDGEISICMEHMDGGSLDQVLKKAGRIPEQILGKVSIAVIKGLTY
LREKHKIMHRDVKPSNILVNSRGEIKLCDFGVSGQLIDSMANSFVGTRSYMSPERLQGTHYSVQSDIWSMGLSLVEMAVG
RYPIGSGSGSMAIFELLDYIVNEPPPKLPSGVFSLEFQDFVNKCLIKNPAERADLKQLMVHAFIKRSDAEEVDFAGWLCS
TIGLNQ
;
_entity_poly.pdbx_strand_id   A,B
#
loop_
_chem_comp.id
_chem_comp.type
_chem_comp.name
_chem_comp.formula
ANP non-polymer 'PHOSPHOAMINOPHOSPHONIC ACID-ADENYLATE ESTER' 'C10 H17 N6 O12 P3'
MG non-polymer 'MAGNESIUM ION' 'Mg 2'
SO4 non-polymer 'SULFATE ION' 'O4 S -2'
T3W non-polymer 2-(4-iodophenyl)-8~{H}-imidazo[1,2-c]pyrimidin-5-one 'C12 H8 I N3 O'
#
# COMPACT_ATOMS: atom_id res chain seq x y z
N LEU A 14 -8.17 1.66 41.54
CA LEU A 14 -8.67 2.37 40.37
C LEU A 14 -10.15 2.75 40.51
N TYR A 15 -10.50 3.95 39.98
CA TYR A 15 -11.84 4.54 40.04
C TYR A 15 -12.53 4.43 38.68
N PHE A 16 -12.98 3.23 38.35
CA PHE A 16 -13.62 2.92 37.07
C PHE A 16 -14.93 3.68 36.80
N GLN A 17 -15.09 4.17 35.56
CA GLN A 17 -16.25 4.92 35.07
C GLN A 17 -16.79 4.18 33.88
N LEU A 18 -17.07 2.89 34.09
CA LEU A 18 -17.53 1.99 33.04
C LEU A 18 -19.04 1.69 33.14
N GLU A 19 -19.76 2.50 33.93
CA GLU A 19 -21.22 2.41 34.15
C GLU A 19 -22.02 2.55 32.83
N GLU A 20 -21.58 3.44 31.91
CA GLU A 20 -22.17 3.70 30.59
C GLU A 20 -22.29 2.43 29.73
N LEU A 21 -21.33 1.51 29.88
CA LEU A 21 -21.31 0.23 29.19
C LEU A 21 -22.26 -0.72 29.91
N GLU A 22 -22.83 -1.72 29.20
CA GLU A 22 -23.75 -2.68 29.86
C GLU A 22 -22.98 -3.62 30.80
N LEU A 23 -21.94 -4.29 30.26
CA LEU A 23 -20.97 -5.18 30.91
C LEU A 23 -21.53 -6.29 31.81
N ASP A 24 -21.31 -7.55 31.41
CA ASP A 24 -21.62 -8.69 32.28
C ASP A 24 -20.43 -8.77 33.27
N GLU A 25 -20.42 -9.75 34.20
CA GLU A 25 -19.32 -9.83 35.17
C GLU A 25 -17.97 -10.20 34.55
N GLN A 26 -17.96 -11.17 33.62
CA GLN A 26 -16.76 -11.61 32.93
C GLN A 26 -16.18 -10.44 32.09
N GLN A 27 -17.05 -9.69 31.39
CA GLN A 27 -16.65 -8.54 30.56
C GLN A 27 -16.04 -7.46 31.43
N ARG A 28 -16.66 -7.22 32.61
CA ARG A 28 -16.20 -6.22 33.57
C ARG A 28 -14.82 -6.61 34.12
N LYS A 29 -14.66 -7.87 34.55
CA LYS A 29 -13.40 -8.34 35.10
C LYS A 29 -12.26 -8.23 34.07
N ARG A 30 -12.53 -8.59 32.80
CA ARG A 30 -11.50 -8.54 31.76
C ARG A 30 -11.11 -7.10 31.41
N LEU A 31 -12.09 -6.19 31.27
CA LEU A 31 -11.82 -4.80 30.93
C LEU A 31 -11.08 -4.09 32.06
N GLU A 32 -11.40 -4.39 33.31
CA GLU A 32 -10.68 -3.81 34.45
C GLU A 32 -9.27 -4.37 34.53
N ALA A 33 -9.08 -5.69 34.24
CA ALA A 33 -7.74 -6.29 34.24
C ALA A 33 -6.84 -5.63 33.16
N PHE A 34 -7.34 -5.45 31.94
CA PHE A 34 -6.58 -4.73 30.91
C PHE A 34 -6.24 -3.29 31.37
N LEU A 35 -7.24 -2.52 31.87
CA LEU A 35 -6.96 -1.13 32.29
C LEU A 35 -6.00 -1.07 33.48
N THR A 36 -5.97 -2.11 34.32
CA THR A 36 -5.05 -2.19 35.47
C THR A 36 -3.61 -2.40 34.97
N GLN A 37 -3.41 -3.29 33.97
CA GLN A 37 -2.08 -3.51 33.36
C GLN A 37 -1.55 -2.23 32.69
N LYS A 38 -2.45 -1.50 31.98
CA LYS A 38 -2.17 -0.23 31.29
C LYS A 38 -1.57 0.81 32.24
N GLN A 39 -1.92 0.75 33.55
CA GLN A 39 -1.37 1.68 34.56
C GLN A 39 0.15 1.53 34.71
N LYS A 40 0.71 0.40 34.26
CA LYS A 40 2.17 0.19 34.32
C LYS A 40 2.86 0.94 33.19
N VAL A 41 2.06 1.41 32.21
CA VAL A 41 2.52 2.07 30.99
C VAL A 41 2.31 3.61 31.00
N GLY A 42 3.42 4.31 30.87
CA GLY A 42 3.45 5.76 30.76
C GLY A 42 3.85 6.15 29.35
N GLU A 43 4.82 7.09 29.24
CA GLU A 43 5.31 7.58 27.96
C GLU A 43 6.01 6.44 27.20
N LEU A 44 5.70 6.31 25.92
CA LEU A 44 6.26 5.26 25.10
C LEU A 44 7.40 5.80 24.23
N LYS A 45 8.52 5.08 24.17
CA LYS A 45 9.76 5.47 23.48
C LYS A 45 10.29 4.28 22.72
N ASP A 46 11.00 4.50 21.61
CA ASP A 46 11.56 3.41 20.80
C ASP A 46 12.49 2.46 21.58
N ASP A 47 13.47 3.03 22.32
CA ASP A 47 14.47 2.33 23.13
C ASP A 47 13.88 1.39 24.18
N ASP A 48 12.61 1.61 24.58
CA ASP A 48 11.91 0.81 25.59
C ASP A 48 11.27 -0.47 25.04
N PHE A 49 11.43 -0.75 23.74
CA PHE A 49 10.91 -1.97 23.12
C PHE A 49 11.99 -2.93 22.67
N GLU A 50 11.63 -4.20 22.68
CA GLU A 50 12.43 -5.34 22.26
C GLU A 50 11.47 -6.14 21.36
N LYS A 51 11.81 -6.30 20.07
CA LYS A 51 10.95 -7.05 19.13
C LYS A 51 11.01 -8.54 19.44
N ILE A 52 9.84 -9.20 19.46
CA ILE A 52 9.78 -10.65 19.70
C ILE A 52 9.63 -11.35 18.33
N SER A 53 8.59 -11.00 17.56
CA SER A 53 8.30 -11.60 16.25
C SER A 53 7.41 -10.67 15.44
N GLU A 54 7.19 -11.00 14.16
CA GLU A 54 6.25 -10.26 13.35
C GLU A 54 4.91 -10.95 13.42
N LEU A 55 3.85 -10.17 13.72
CA LEU A 55 2.48 -10.65 13.80
C LEU A 55 1.85 -10.72 12.41
N GLY A 56 2.06 -9.66 11.65
CA GLY A 56 1.61 -9.57 10.28
C GLY A 56 1.98 -8.23 9.69
N ALA A 57 1.69 -8.05 8.43
CA ALA A 57 1.94 -6.80 7.74
C ALA A 57 0.76 -6.60 6.79
N GLY A 58 0.38 -5.36 6.59
CA GLY A 58 -0.71 -5.04 5.68
C GLY A 58 -0.21 -4.10 4.63
N ASN A 59 -1.06 -3.15 4.25
CA ASN A 59 -0.68 -2.16 3.24
C ASN A 59 -0.07 -0.93 3.90
N GLY A 60 -0.74 -0.45 4.95
CA GLY A 60 -0.30 0.71 5.74
C GLY A 60 1.02 0.51 6.44
N GLY A 61 1.20 -0.67 7.07
CA GLY A 61 2.41 -0.99 7.80
C GLY A 61 2.62 -2.43 8.18
N VAL A 62 3.37 -2.63 9.29
CA VAL A 62 3.76 -3.92 9.83
C VAL A 62 3.48 -3.94 11.33
N VAL A 63 3.12 -5.11 11.85
CA VAL A 63 2.88 -5.18 13.28
C VAL A 63 3.70 -6.32 13.85
N PHE A 64 4.40 -5.95 14.91
CA PHE A 64 5.31 -6.77 15.68
C PHE A 64 4.76 -7.08 17.04
N LYS A 65 5.08 -8.29 17.52
CA LYS A 65 4.81 -8.68 18.89
C LYS A 65 6.09 -8.18 19.55
N VAL A 66 5.97 -7.32 20.58
CA VAL A 66 7.12 -6.72 21.25
C VAL A 66 7.06 -6.84 22.75
N SER A 67 8.19 -6.59 23.40
CA SER A 67 8.19 -6.52 24.84
C SER A 67 8.46 -5.11 25.27
N HIS A 68 7.58 -4.55 26.10
CA HIS A 68 7.81 -3.21 26.61
C HIS A 68 8.63 -3.42 27.89
N LYS A 69 9.93 -3.13 27.81
CA LYS A 69 10.90 -3.31 28.89
C LYS A 69 10.53 -2.60 30.22
N PRO A 70 10.09 -1.32 30.27
CA PRO A 70 9.73 -0.73 31.58
C PRO A 70 8.62 -1.45 32.35
N SER A 71 7.63 -2.01 31.63
CA SER A 71 6.48 -2.65 32.25
C SER A 71 6.48 -4.18 32.23
N GLY A 72 7.24 -4.77 31.32
CA GLY A 72 7.28 -6.22 31.15
C GLY A 72 6.10 -6.75 30.38
N LEU A 73 5.27 -5.82 29.86
CA LEU A 73 4.08 -6.14 29.08
C LEU A 73 4.45 -6.52 27.66
N VAL A 74 3.84 -7.61 27.15
CA VAL A 74 3.94 -8.01 25.74
C VAL A 74 2.81 -7.19 25.07
N MET A 75 3.10 -6.59 23.90
CA MET A 75 2.17 -5.73 23.18
C MET A 75 2.27 -6.02 21.72
N ALA A 76 1.32 -5.52 20.94
CA ALA A 76 1.40 -5.57 19.47
C ALA A 76 1.76 -4.12 19.09
N ARG A 77 2.81 -3.91 18.30
CA ARG A 77 3.24 -2.57 17.96
C ARG A 77 3.12 -2.41 16.47
N LYS A 78 2.17 -1.60 16.01
CA LYS A 78 2.04 -1.36 14.57
C LYS A 78 2.86 -0.15 14.18
N LEU A 79 3.73 -0.27 13.15
CA LEU A 79 4.53 0.85 12.65
C LEU A 79 4.06 1.26 11.25
N ILE A 80 3.78 2.55 11.08
CA ILE A 80 3.31 3.12 9.84
C ILE A 80 4.35 4.13 9.40
N HIS A 81 4.94 3.92 8.24
CA HIS A 81 5.96 4.83 7.75
C HIS A 81 5.31 6.07 7.18
N LEU A 82 5.59 7.23 7.82
CA LEU A 82 5.11 8.55 7.44
C LEU A 82 6.13 9.61 7.82
N GLU A 83 7.10 9.84 6.93
CA GLU A 83 8.09 10.90 7.15
C GLU A 83 7.58 12.16 6.39
N ILE A 84 6.56 12.86 6.96
CA ILE A 84 5.90 14.04 6.37
C ILE A 84 6.19 15.31 7.20
N LYS A 85 5.48 16.45 6.93
CA LYS A 85 5.69 17.70 7.68
C LYS A 85 5.55 17.40 9.17
N PRO A 86 6.56 17.73 10.01
CA PRO A 86 6.50 17.36 11.43
C PRO A 86 5.26 17.88 12.18
N ALA A 87 4.65 18.98 11.70
CA ALA A 87 3.45 19.55 12.30
C ALA A 87 2.22 18.71 12.00
N ILE A 88 2.08 18.17 10.75
CA ILE A 88 0.92 17.34 10.35
C ILE A 88 1.01 15.97 11.01
N ARG A 89 2.21 15.44 11.22
CA ARG A 89 2.31 14.16 11.92
C ARG A 89 2.04 14.33 13.41
N ASN A 90 2.34 15.50 13.97
CA ASN A 90 2.07 15.76 15.38
C ASN A 90 0.55 15.86 15.67
N GLN A 91 -0.24 16.26 14.66
CA GLN A 91 -1.71 16.33 14.70
C GLN A 91 -2.25 14.90 14.64
N ILE A 92 -1.68 14.04 13.75
CA ILE A 92 -2.03 12.61 13.68
C ILE A 92 -1.86 11.99 15.09
N ILE A 93 -0.67 12.15 15.69
CA ILE A 93 -0.36 11.63 17.03
C ILE A 93 -1.32 12.18 18.07
N ARG A 94 -1.59 13.50 18.00
CA ARG A 94 -2.53 14.18 18.89
C ARG A 94 -3.91 13.50 18.78
N GLU A 95 -4.40 13.27 17.54
CA GLU A 95 -5.71 12.63 17.29
C GLU A 95 -5.75 11.17 17.77
N LEU A 96 -4.62 10.44 17.65
CA LEU A 96 -4.50 9.04 18.10
C LEU A 96 -4.64 8.88 19.61
N GLN A 97 -4.37 9.94 20.42
CA GLN A 97 -4.53 9.92 21.89
C GLN A 97 -5.96 9.62 22.36
N VAL A 98 -6.97 9.95 21.50
CA VAL A 98 -8.42 9.70 21.75
C VAL A 98 -8.68 8.20 21.93
N LEU A 99 -7.77 7.35 21.38
CA LEU A 99 -7.84 5.90 21.55
C LEU A 99 -7.74 5.54 23.04
N HIS A 100 -7.18 6.46 23.87
CA HIS A 100 -7.10 6.30 25.33
C HIS A 100 -8.48 6.30 26.00
N GLU A 101 -9.51 6.83 25.30
CA GLU A 101 -10.90 6.93 25.77
C GLU A 101 -11.80 5.82 25.22
N CYS A 102 -11.28 5.00 24.27
CA CYS A 102 -12.05 3.91 23.67
C CYS A 102 -11.92 2.60 24.44
N ASN A 103 -12.66 2.50 25.57
CA ASN A 103 -12.68 1.32 26.43
C ASN A 103 -13.99 0.57 26.22
N SER A 104 -13.92 -0.58 25.55
CA SER A 104 -15.09 -1.40 25.23
C SER A 104 -14.68 -2.86 25.14
N PRO A 105 -15.58 -3.83 25.51
CA PRO A 105 -15.23 -5.26 25.34
C PRO A 105 -14.98 -5.62 23.88
N TYR A 106 -15.49 -4.79 22.94
CA TYR A 106 -15.41 -5.07 21.48
C TYR A 106 -14.39 -4.23 20.73
N ILE A 107 -13.51 -3.52 21.42
CA ILE A 107 -12.47 -2.71 20.78
C ILE A 107 -11.13 -3.15 21.37
N VAL A 108 -10.15 -3.43 20.52
CA VAL A 108 -8.84 -3.85 21.00
C VAL A 108 -8.26 -2.75 21.90
N GLY A 109 -7.73 -3.21 23.03
CA GLY A 109 -7.08 -2.31 23.98
C GLY A 109 -5.91 -1.55 23.38
N PHE A 110 -5.72 -0.33 23.83
CA PHE A 110 -4.68 0.55 23.34
C PHE A 110 -3.77 1.00 24.47
N TYR A 111 -2.46 1.06 24.23
CA TYR A 111 -1.48 1.51 25.22
C TYR A 111 -0.94 2.89 25.00
N GLY A 112 -0.74 3.26 23.74
CA GLY A 112 -0.23 4.59 23.38
C GLY A 112 0.20 4.66 21.94
N ALA A 113 0.39 5.88 21.45
CA ALA A 113 0.86 6.12 20.07
C ALA A 113 1.92 7.21 20.16
N PHE A 114 3.04 7.09 19.39
CA PHE A 114 4.15 8.03 19.39
C PHE A 114 4.91 7.95 18.04
N TYR A 115 5.81 8.89 17.81
CA TYR A 115 6.60 8.96 16.57
C TYR A 115 8.07 8.86 16.88
N SER A 116 8.81 8.20 15.98
CA SER A 116 10.26 8.05 16.07
C SER A 116 10.76 7.52 14.74
N ASP A 117 11.80 8.17 14.20
CA ASP A 117 12.54 7.85 12.97
C ASP A 117 11.67 7.57 11.72
N GLY A 118 10.80 8.52 11.38
CA GLY A 118 9.90 8.40 10.24
C GLY A 118 8.82 7.34 10.39
N GLU A 119 8.51 6.95 11.63
CA GLU A 119 7.51 5.91 11.87
C GLU A 119 6.57 6.28 12.99
N ILE A 120 5.27 6.15 12.75
CA ILE A 120 4.37 6.35 13.85
C ILE A 120 4.03 4.95 14.39
N SER A 121 4.12 4.78 15.71
CA SER A 121 3.85 3.49 16.34
C SER A 121 2.50 3.56 17.01
N ILE A 122 1.66 2.54 16.80
CA ILE A 122 0.39 2.39 17.49
C ILE A 122 0.57 1.11 18.34
N CYS A 123 0.59 1.28 19.65
CA CYS A 123 0.84 0.15 20.53
C CYS A 123 -0.44 -0.34 21.14
N MET A 124 -0.71 -1.61 20.93
CA MET A 124 -1.96 -2.15 21.41
C MET A 124 -1.84 -3.47 22.13
N GLU A 125 -2.99 -3.90 22.69
CA GLU A 125 -3.16 -5.17 23.37
C GLU A 125 -2.86 -6.24 22.36
N HIS A 126 -2.02 -7.18 22.75
CA HIS A 126 -1.69 -8.30 21.93
C HIS A 126 -2.84 -9.33 22.02
N MET A 127 -3.42 -9.66 20.86
CA MET A 127 -4.53 -10.62 20.75
C MET A 127 -3.87 -11.93 20.24
N ASP A 128 -3.66 -12.90 21.14
CA ASP A 128 -2.91 -14.15 20.86
C ASP A 128 -3.55 -15.11 19.80
N GLY A 129 -4.81 -14.89 19.43
CA GLY A 129 -5.44 -15.70 18.39
C GLY A 129 -5.33 -15.07 17.01
N GLY A 130 -4.69 -13.90 16.94
CA GLY A 130 -4.52 -13.11 15.72
C GLY A 130 -5.82 -12.58 15.13
N SER A 131 -5.85 -12.39 13.80
CA SER A 131 -7.05 -11.92 13.10
C SER A 131 -7.85 -13.07 12.47
N LEU A 132 -9.10 -12.78 12.10
CA LEU A 132 -9.99 -13.76 11.49
C LEU A 132 -9.58 -14.20 10.09
N ASP A 133 -8.80 -13.39 9.35
CA ASP A 133 -8.25 -13.84 8.06
C ASP A 133 -7.16 -14.93 8.33
N GLN A 134 -6.39 -14.80 9.42
CA GLN A 134 -5.40 -15.83 9.79
C GLN A 134 -6.09 -17.10 10.26
N VAL A 135 -7.15 -16.98 11.09
CA VAL A 135 -7.86 -18.17 11.54
C VAL A 135 -8.59 -18.78 10.35
N LEU A 136 -9.11 -17.94 9.41
CA LEU A 136 -9.80 -18.43 8.20
C LEU A 136 -8.92 -19.39 7.39
N LYS A 137 -7.63 -19.04 7.22
CA LYS A 137 -6.60 -19.83 6.53
C LYS A 137 -6.52 -21.25 7.09
N LYS A 138 -6.43 -21.34 8.45
CA LYS A 138 -6.34 -22.61 9.18
C LYS A 138 -7.65 -23.38 9.21
N ALA A 139 -8.76 -22.71 9.57
CA ALA A 139 -10.09 -23.30 9.66
C ALA A 139 -10.69 -23.74 8.32
N GLY A 140 -10.32 -23.06 7.24
CA GLY A 140 -10.87 -23.32 5.91
C GLY A 140 -12.14 -22.51 5.68
N ARG A 141 -13.12 -22.64 6.61
CA ARG A 141 -14.43 -21.98 6.68
C ARG A 141 -14.75 -21.84 8.17
N ILE A 142 -15.39 -20.74 8.54
CA ILE A 142 -15.77 -20.55 9.95
C ILE A 142 -17.26 -20.90 10.10
N PRO A 143 -17.62 -21.80 11.06
CA PRO A 143 -19.03 -22.19 11.19
C PRO A 143 -19.96 -20.99 11.44
N GLU A 144 -21.18 -21.11 10.95
CA GLU A 144 -22.25 -20.13 11.08
C GLU A 144 -22.49 -19.69 12.55
N GLN A 145 -22.47 -20.64 13.47
CA GLN A 145 -22.64 -20.37 14.91
C GLN A 145 -21.56 -19.46 15.45
N ILE A 146 -20.30 -19.69 15.01
CA ILE A 146 -19.15 -18.88 15.38
C ILE A 146 -19.33 -17.48 14.73
N LEU A 147 -19.75 -17.44 13.44
CA LEU A 147 -19.97 -16.14 12.78
C LEU A 147 -21.09 -15.34 13.40
N GLY A 148 -22.00 -16.02 14.09
CA GLY A 148 -23.06 -15.38 14.85
C GLY A 148 -22.49 -14.50 15.93
N LYS A 149 -21.54 -15.05 16.73
CA LYS A 149 -20.86 -14.33 17.82
C LYS A 149 -19.97 -13.24 17.25
N VAL A 150 -19.34 -13.50 16.09
CA VAL A 150 -18.50 -12.49 15.45
C VAL A 150 -19.37 -11.33 15.03
N SER A 151 -20.55 -11.62 14.46
CA SER A 151 -21.46 -10.57 13.99
C SER A 151 -21.93 -9.70 15.15
N ILE A 152 -22.21 -10.32 16.31
CA ILE A 152 -22.64 -9.57 17.51
C ILE A 152 -21.55 -8.55 17.92
N ALA A 153 -20.30 -9.04 18.05
CA ALA A 153 -19.11 -8.29 18.40
C ALA A 153 -18.87 -7.11 17.50
N VAL A 154 -19.02 -7.31 16.17
CA VAL A 154 -18.81 -6.26 15.17
C VAL A 154 -19.90 -5.18 15.30
N ILE A 155 -21.18 -5.59 15.36
CA ILE A 155 -22.28 -4.62 15.48
C ILE A 155 -22.14 -3.82 16.76
N LYS A 156 -21.81 -4.49 17.88
CA LYS A 156 -21.65 -3.84 19.18
C LYS A 156 -20.44 -2.89 19.22
N GLY A 157 -19.38 -3.24 18.52
CA GLY A 157 -18.16 -2.43 18.41
C GLY A 157 -18.41 -1.21 17.55
N LEU A 158 -19.08 -1.41 16.39
CA LEU A 158 -19.49 -0.33 15.47
C LEU A 158 -20.44 0.63 16.23
N THR A 159 -21.39 0.07 17.01
CA THR A 159 -22.35 0.87 17.79
C THR A 159 -21.63 1.76 18.81
N TYR A 160 -20.71 1.17 19.61
CA TYR A 160 -19.89 1.86 20.60
C TYR A 160 -19.10 3.03 19.97
N LEU A 161 -18.38 2.74 18.87
CA LEU A 161 -17.61 3.76 18.17
C LEU A 161 -18.50 4.91 17.72
N ARG A 162 -19.70 4.60 17.18
CA ARG A 162 -20.64 5.62 16.69
C ARG A 162 -21.31 6.40 17.79
N GLU A 163 -21.91 5.71 18.75
CA GLU A 163 -22.62 6.37 19.84
C GLU A 163 -21.71 7.15 20.79
N LYS A 164 -20.60 6.55 21.23
CA LYS A 164 -19.73 7.17 22.22
C LYS A 164 -18.68 8.12 21.67
N HIS A 165 -18.08 7.82 20.52
CA HIS A 165 -17.02 8.71 20.00
C HIS A 165 -17.37 9.31 18.64
N LYS A 166 -18.57 9.00 18.09
CA LYS A 166 -19.02 9.48 16.79
C LYS A 166 -17.97 9.15 15.71
N ILE A 167 -17.36 7.97 15.80
CA ILE A 167 -16.38 7.57 14.79
C ILE A 167 -16.90 6.38 14.03
N MET A 168 -16.67 6.38 12.72
CA MET A 168 -17.03 5.29 11.83
C MET A 168 -15.76 4.48 11.67
N HIS A 169 -15.91 3.16 11.51
CA HIS A 169 -14.78 2.28 11.40
C HIS A 169 -13.96 2.56 10.12
N ARG A 170 -14.60 2.52 8.93
CA ARG A 170 -14.00 2.78 7.61
C ARG A 170 -13.05 1.66 7.11
N ASP A 171 -12.80 0.61 7.91
CA ASP A 171 -11.89 -0.45 7.47
C ASP A 171 -12.31 -1.85 8.00
N VAL A 172 -13.62 -2.13 7.97
CA VAL A 172 -14.13 -3.44 8.45
C VAL A 172 -13.73 -4.50 7.42
N LYS A 173 -13.07 -5.60 7.89
CA LYS A 173 -12.61 -6.74 7.08
C LYS A 173 -12.07 -7.83 8.00
N PRO A 174 -11.91 -9.13 7.57
CA PRO A 174 -11.45 -10.17 8.51
C PRO A 174 -10.11 -9.91 9.19
N SER A 175 -9.20 -9.14 8.56
CA SER A 175 -7.89 -8.83 9.16
C SER A 175 -7.97 -7.80 10.31
N ASN A 176 -9.12 -7.10 10.42
CA ASN A 176 -9.34 -6.05 11.41
C ASN A 176 -10.30 -6.47 12.49
N ILE A 177 -10.54 -7.76 12.57
CA ILE A 177 -11.37 -8.41 13.59
C ILE A 177 -10.40 -9.40 14.23
N LEU A 178 -10.06 -9.12 15.47
CA LEU A 178 -9.06 -9.86 16.25
C LEU A 178 -9.72 -10.71 17.30
N VAL A 179 -9.10 -11.85 17.61
CA VAL A 179 -9.58 -12.83 18.59
C VAL A 179 -8.46 -13.27 19.53
N ASN A 180 -8.84 -13.87 20.69
CA ASN A 180 -7.89 -14.35 21.68
C ASN A 180 -8.34 -15.65 22.34
N SER A 181 -7.44 -16.28 23.12
CA SER A 181 -7.73 -17.57 23.78
C SER A 181 -8.84 -17.51 24.85
N ARG A 182 -9.24 -16.30 25.29
CA ARG A 182 -10.33 -16.11 26.27
C ARG A 182 -11.70 -16.03 25.53
N GLY A 183 -11.66 -16.11 24.20
CA GLY A 183 -12.84 -16.07 23.35
C GLY A 183 -13.35 -14.69 23.04
N GLU A 184 -12.51 -13.67 23.26
CA GLU A 184 -12.91 -12.28 22.98
C GLU A 184 -12.74 -12.02 21.49
N ILE A 185 -13.66 -11.22 20.90
CA ILE A 185 -13.68 -10.78 19.47
C ILE A 185 -13.72 -9.27 19.52
N LYS A 186 -12.75 -8.61 18.91
CA LYS A 186 -12.59 -7.16 19.00
C LYS A 186 -12.17 -6.51 17.70
N LEU A 187 -12.58 -5.25 17.51
CA LEU A 187 -12.21 -4.52 16.32
C LEU A 187 -10.94 -3.68 16.57
N CYS A 188 -10.12 -3.57 15.55
CA CYS A 188 -8.95 -2.67 15.56
C CYS A 188 -8.97 -1.88 14.22
N ASP A 189 -7.99 -0.94 14.02
CA ASP A 189 -7.79 -0.17 12.77
C ASP A 189 -9.01 0.65 12.29
N PHE A 190 -9.77 1.25 13.21
CA PHE A 190 -10.90 2.14 12.89
C PHE A 190 -10.38 3.57 12.74
N GLY A 191 -11.12 4.38 11.98
CA GLY A 191 -10.77 5.77 11.61
C GLY A 191 -10.93 6.80 12.71
N VAL A 192 -10.09 6.70 13.74
CA VAL A 192 -10.12 7.59 14.91
C VAL A 192 -9.44 8.94 14.58
N SER A 193 -8.46 8.92 13.66
CA SER A 193 -7.71 10.08 13.25
C SER A 193 -8.04 10.46 11.81
N GLY A 194 -8.69 11.61 11.67
CA GLY A 194 -9.04 12.17 10.37
C GLY A 194 -7.82 12.54 9.56
N GLN A 195 -6.76 13.00 10.23
CA GLN A 195 -5.53 13.39 9.54
C GLN A 195 -4.71 12.18 9.07
N LEU A 196 -4.76 11.04 9.83
CA LEU A 196 -4.08 9.81 9.45
C LEU A 196 -4.73 9.29 8.18
N ILE A 197 -6.08 9.35 8.10
CA ILE A 197 -6.82 8.93 6.92
C ILE A 197 -6.39 9.74 5.69
N ASP A 198 -6.36 11.09 5.82
CA ASP A 198 -5.96 12.01 4.76
C ASP A 198 -4.53 11.78 4.28
N SER A 199 -3.57 11.71 5.22
CA SER A 199 -2.14 11.48 4.92
C SER A 199 -1.86 10.11 4.28
N MET A 200 -2.86 9.18 4.34
CA MET A 200 -2.78 7.84 3.74
C MET A 200 -3.68 7.81 2.50
N GLY A 206 -5.81 -3.03 -1.99
CA GLY A 206 -5.54 -4.37 -2.51
C GLY A 206 -6.49 -4.80 -3.61
N THR A 207 -6.24 -6.00 -4.20
CA THR A 207 -7.09 -6.52 -5.28
C THR A 207 -8.27 -7.36 -4.67
N ARG A 208 -8.37 -7.35 -3.32
CA ARG A 208 -9.48 -7.88 -2.55
C ARG A 208 -10.00 -6.61 -1.88
N SER A 209 -11.23 -6.18 -2.24
CA SER A 209 -11.82 -4.96 -1.69
C SER A 209 -13.06 -5.24 -0.86
N TYR A 210 -13.21 -4.53 0.26
CA TYR A 210 -14.36 -4.62 1.15
C TYR A 210 -15.15 -3.31 1.16
N MET A 211 -14.80 -2.35 0.27
CA MET A 211 -15.50 -1.06 0.17
C MET A 211 -16.86 -1.21 -0.47
N SER A 212 -17.86 -0.48 0.08
CA SER A 212 -19.22 -0.47 -0.44
C SER A 212 -19.28 0.07 -1.89
N PRO A 213 -20.30 -0.26 -2.70
CA PRO A 213 -20.35 0.27 -4.07
C PRO A 213 -20.39 1.81 -4.09
N GLU A 214 -21.05 2.45 -3.10
CA GLU A 214 -21.11 3.93 -3.07
C GLU A 214 -19.74 4.54 -2.67
N ARG A 215 -18.95 3.84 -1.82
CA ARG A 215 -17.62 4.33 -1.46
C ARG A 215 -16.63 4.23 -2.65
N LEU A 216 -16.76 3.19 -3.47
CA LEU A 216 -15.93 2.99 -4.66
C LEU A 216 -16.23 4.05 -5.72
N GLN A 217 -17.44 4.64 -5.70
CA GLN A 217 -17.87 5.68 -6.66
C GLN A 217 -17.57 7.11 -6.21
N GLY A 218 -17.48 7.35 -4.90
CA GLY A 218 -17.16 8.69 -4.41
C GLY A 218 -17.85 9.14 -3.13
N THR A 219 -19.15 8.79 -2.99
CA THR A 219 -20.07 9.10 -1.88
C THR A 219 -19.41 9.19 -0.48
N HIS A 220 -19.78 10.26 0.30
CA HIS A 220 -19.33 10.52 1.66
C HIS A 220 -19.59 9.33 2.57
N TYR A 221 -18.59 8.95 3.39
CA TYR A 221 -18.66 7.79 4.28
C TYR A 221 -19.85 7.80 5.22
N SER A 222 -20.52 6.65 5.31
CA SER A 222 -21.66 6.46 6.20
C SER A 222 -21.49 5.13 6.91
N VAL A 223 -22.21 4.95 8.02
CA VAL A 223 -22.17 3.71 8.80
C VAL A 223 -22.60 2.53 7.92
N GLN A 224 -23.47 2.82 6.92
CA GLN A 224 -23.99 1.88 5.92
C GLN A 224 -22.86 1.25 5.13
N SER A 225 -21.76 2.00 4.91
CA SER A 225 -20.58 1.56 4.21
C SER A 225 -19.85 0.48 5.07
N ASP A 226 -19.84 0.60 6.43
CA ASP A 226 -19.28 -0.45 7.33
C ASP A 226 -20.18 -1.69 7.34
N ILE A 227 -21.52 -1.51 7.19
CA ILE A 227 -22.48 -2.62 7.17
C ILE A 227 -22.22 -3.51 5.95
N TRP A 228 -22.02 -2.89 4.77
CA TRP A 228 -21.68 -3.62 3.56
C TRP A 228 -20.40 -4.41 3.79
N SER A 229 -19.37 -3.75 4.34
CA SER A 229 -18.06 -4.34 4.61
C SER A 229 -18.19 -5.53 5.52
N MET A 230 -19.00 -5.41 6.58
CA MET A 230 -19.28 -6.55 7.48
C MET A 230 -19.99 -7.71 6.72
N GLY A 231 -21.03 -7.39 5.95
CA GLY A 231 -21.73 -8.36 5.13
C GLY A 231 -20.80 -9.16 4.23
N LEU A 232 -19.96 -8.49 3.45
CA LEU A 232 -19.02 -9.17 2.58
C LEU A 232 -18.00 -10.06 3.36
N SER A 233 -17.49 -9.57 4.49
CA SER A 233 -16.56 -10.29 5.39
C SER A 233 -17.16 -11.59 5.91
N LEU A 234 -18.44 -11.54 6.30
CA LEU A 234 -19.17 -12.71 6.77
C LEU A 234 -19.36 -13.72 5.65
N VAL A 235 -19.70 -13.23 4.43
CA VAL A 235 -19.87 -14.16 3.29
C VAL A 235 -18.55 -14.90 3.04
N GLU A 236 -17.41 -14.18 3.06
CA GLU A 236 -16.06 -14.75 2.83
C GLU A 236 -15.70 -15.75 3.92
N MET A 237 -15.93 -15.41 5.20
CA MET A 237 -15.60 -16.30 6.31
C MET A 237 -16.44 -17.56 6.31
N ALA A 238 -17.74 -17.45 5.92
CA ALA A 238 -18.67 -18.60 5.88
C ALA A 238 -18.35 -19.56 4.72
N VAL A 239 -17.91 -19.03 3.58
CA VAL A 239 -17.65 -19.80 2.36
C VAL A 239 -16.14 -20.15 2.18
N GLY A 240 -15.27 -19.49 2.93
CA GLY A 240 -13.84 -19.78 2.92
C GLY A 240 -13.02 -19.11 1.84
N ARG A 241 -13.66 -18.23 1.04
CA ARG A 241 -12.99 -17.50 -0.03
C ARG A 241 -13.62 -16.13 -0.27
N TYR A 242 -12.79 -15.17 -0.68
CA TYR A 242 -13.26 -13.85 -1.07
C TYR A 242 -14.38 -14.07 -2.09
N PRO A 243 -15.60 -13.59 -1.81
CA PRO A 243 -16.76 -14.00 -2.63
C PRO A 243 -16.86 -13.37 -4.04
N ILE A 244 -15.88 -12.56 -4.43
CA ILE A 244 -15.87 -11.96 -5.78
C ILE A 244 -14.60 -12.37 -6.55
N MET A 251 -8.32 -12.11 -9.42
CA MET A 251 -9.01 -11.40 -10.49
C MET A 251 -8.31 -10.07 -10.83
N ALA A 252 -8.77 -9.39 -11.92
CA ALA A 252 -8.23 -8.09 -12.37
C ALA A 252 -8.85 -6.96 -11.56
N ILE A 253 -8.01 -6.01 -11.10
CA ILE A 253 -8.31 -4.83 -10.26
C ILE A 253 -9.62 -4.12 -10.64
N PHE A 254 -9.75 -3.67 -11.91
CA PHE A 254 -10.93 -2.96 -12.40
C PHE A 254 -12.11 -3.92 -12.52
N GLU A 255 -11.86 -5.16 -12.99
CA GLU A 255 -12.87 -6.20 -13.17
C GLU A 255 -13.59 -6.45 -11.83
N LEU A 256 -12.81 -6.59 -10.76
CA LEU A 256 -13.32 -6.79 -9.41
C LEU A 256 -14.16 -5.62 -8.92
N LEU A 257 -13.69 -4.36 -9.07
CA LEU A 257 -14.44 -3.19 -8.61
C LEU A 257 -15.68 -2.96 -9.46
N ASP A 258 -15.61 -3.26 -10.80
CA ASP A 258 -16.74 -3.14 -11.72
C ASP A 258 -17.85 -4.14 -11.35
N TYR A 259 -17.47 -5.31 -10.84
CA TYR A 259 -18.44 -6.29 -10.40
C TYR A 259 -19.15 -5.81 -9.13
N ILE A 260 -18.41 -5.16 -8.21
CA ILE A 260 -18.99 -4.66 -6.96
C ILE A 260 -19.99 -3.54 -7.26
N VAL A 261 -19.57 -2.60 -8.09
CA VAL A 261 -20.39 -1.46 -8.47
C VAL A 261 -21.60 -1.82 -9.34
N ASN A 262 -21.39 -2.59 -10.44
CA ASN A 262 -22.40 -2.83 -11.46
C ASN A 262 -23.09 -4.20 -11.49
N GLU A 263 -22.62 -5.20 -10.72
CA GLU A 263 -23.28 -6.51 -10.74
C GLU A 263 -24.01 -6.83 -9.43
N PRO A 264 -25.00 -7.77 -9.39
CA PRO A 264 -25.69 -8.05 -8.11
C PRO A 264 -24.74 -8.46 -6.98
N PRO A 265 -25.03 -8.10 -5.71
CA PRO A 265 -24.14 -8.51 -4.62
C PRO A 265 -24.07 -10.03 -4.44
N PRO A 266 -22.99 -10.58 -3.85
CA PRO A 266 -22.94 -12.03 -3.65
C PRO A 266 -23.95 -12.47 -2.59
N LYS A 267 -24.30 -13.75 -2.64
CA LYS A 267 -25.25 -14.35 -1.70
C LYS A 267 -24.60 -15.58 -1.14
N LEU A 268 -25.08 -15.99 0.03
CA LEU A 268 -24.60 -17.19 0.67
C LEU A 268 -25.26 -18.37 -0.08
N PRO A 269 -24.61 -19.53 -0.22
CA PRO A 269 -25.30 -20.66 -0.87
C PRO A 269 -26.44 -21.18 0.01
N SER A 270 -27.62 -21.46 -0.57
CA SER A 270 -28.74 -21.99 0.22
C SER A 270 -28.53 -23.49 0.54
N GLY A 271 -29.22 -23.97 1.57
CA GLY A 271 -29.12 -25.37 2.00
C GLY A 271 -28.09 -25.61 3.08
N VAL A 272 -26.89 -25.01 2.91
CA VAL A 272 -25.74 -25.12 3.83
C VAL A 272 -25.84 -24.09 4.97
N PHE A 273 -26.52 -22.96 4.74
CA PHE A 273 -26.69 -21.91 5.75
C PHE A 273 -28.15 -21.70 6.07
N SER A 274 -28.45 -21.30 7.32
CA SER A 274 -29.84 -21.09 7.72
C SER A 274 -30.45 -19.92 6.97
N LEU A 275 -31.79 -19.85 6.89
CA LEU A 275 -32.50 -18.74 6.25
C LEU A 275 -32.21 -17.42 6.94
N GLU A 276 -32.04 -17.43 8.31
CA GLU A 276 -31.76 -16.22 9.09
C GLU A 276 -30.44 -15.60 8.73
N PHE A 277 -29.39 -16.41 8.55
CA PHE A 277 -28.06 -15.92 8.19
C PHE A 277 -28.07 -15.42 6.75
N GLN A 278 -28.76 -16.15 5.84
CA GLN A 278 -28.88 -15.71 4.44
C GLN A 278 -29.62 -14.35 4.40
N ASP A 279 -30.73 -14.22 5.17
CA ASP A 279 -31.43 -12.92 5.22
C ASP A 279 -30.56 -11.81 5.84
N PHE A 280 -29.77 -12.13 6.89
CA PHE A 280 -28.88 -11.18 7.56
C PHE A 280 -27.83 -10.61 6.59
N VAL A 281 -27.06 -11.48 5.92
CA VAL A 281 -26.03 -10.99 4.96
C VAL A 281 -26.66 -10.23 3.76
N ASN A 282 -27.85 -10.69 3.29
CA ASN A 282 -28.61 -10.06 2.18
C ASN A 282 -28.96 -8.63 2.50
N LYS A 283 -29.34 -8.36 3.75
CA LYS A 283 -29.69 -7.02 4.27
C LYS A 283 -28.45 -6.12 4.37
N CYS A 284 -27.28 -6.71 4.66
CA CYS A 284 -26.00 -5.98 4.72
C CYS A 284 -25.50 -5.62 3.34
N LEU A 285 -25.77 -6.49 2.36
CA LEU A 285 -25.21 -6.35 1.02
C LEU A 285 -26.16 -5.65 0.01
N ILE A 286 -27.31 -5.12 0.47
CA ILE A 286 -28.22 -4.37 -0.42
C ILE A 286 -27.44 -3.20 -1.02
N LYS A 287 -27.37 -3.15 -2.35
CA LYS A 287 -26.61 -2.12 -3.05
C LYS A 287 -27.07 -0.71 -2.68
N ASN A 288 -28.40 -0.49 -2.61
CA ASN A 288 -29.06 0.78 -2.24
C ASN A 288 -28.76 1.06 -0.72
N PRO A 289 -27.92 2.08 -0.35
CA PRO A 289 -27.62 2.27 1.09
C PRO A 289 -28.79 2.71 1.98
N ALA A 290 -29.94 3.15 1.37
CA ALA A 290 -31.17 3.58 2.06
C ALA A 290 -32.04 2.38 2.42
N GLU A 291 -31.96 1.32 1.60
CA GLU A 291 -32.69 0.08 1.73
C GLU A 291 -31.89 -0.84 2.64
N ARG A 292 -30.56 -0.71 2.61
CA ARG A 292 -29.62 -1.47 3.41
C ARG A 292 -29.89 -1.30 4.91
N ALA A 293 -29.74 -2.40 5.67
CA ALA A 293 -29.98 -2.36 7.11
C ALA A 293 -29.04 -1.42 7.87
N ASP A 294 -29.53 -0.86 8.99
CA ASP A 294 -28.69 0.01 9.83
C ASP A 294 -28.39 -0.80 11.09
N LEU A 295 -27.48 -0.32 11.97
CA LEU A 295 -27.08 -1.06 13.18
C LEU A 295 -28.24 -1.48 14.09
N LYS A 296 -29.23 -0.57 14.28
CA LYS A 296 -30.42 -0.76 15.12
C LYS A 296 -31.26 -1.94 14.60
N GLN A 297 -31.42 -2.02 13.27
CA GLN A 297 -32.15 -3.12 12.64
C GLN A 297 -31.40 -4.44 12.79
N LEU A 298 -30.07 -4.41 12.59
CA LEU A 298 -29.22 -5.59 12.67
C LEU A 298 -29.17 -6.18 14.08
N MET A 299 -29.11 -5.32 15.12
CA MET A 299 -29.14 -5.77 16.54
C MET A 299 -30.42 -6.57 16.91
N VAL A 300 -31.55 -6.28 16.25
CA VAL A 300 -32.79 -6.99 16.49
C VAL A 300 -33.14 -8.00 15.35
N HIS A 301 -32.20 -8.26 14.41
CA HIS A 301 -32.45 -9.24 13.34
C HIS A 301 -32.53 -10.62 13.99
N ALA A 302 -33.31 -11.54 13.39
CA ALA A 302 -33.50 -12.90 13.90
C ALA A 302 -32.18 -13.66 13.99
N PHE A 303 -31.23 -13.42 13.05
CA PHE A 303 -29.91 -14.05 13.11
C PHE A 303 -29.16 -13.66 14.39
N ILE A 304 -29.22 -12.39 14.77
CA ILE A 304 -28.55 -11.89 15.96
C ILE A 304 -29.27 -12.34 17.20
N LYS A 305 -30.60 -12.27 17.18
CA LYS A 305 -31.37 -12.71 18.34
C LYS A 305 -31.08 -14.18 18.62
N ARG A 306 -31.02 -14.99 17.54
CA ARG A 306 -30.73 -16.43 17.64
C ARG A 306 -29.31 -16.68 18.12
N SER A 307 -28.33 -16.02 17.51
CA SER A 307 -26.93 -16.14 17.88
C SER A 307 -26.68 -15.71 19.34
N ASP A 308 -27.36 -14.65 19.82
CA ASP A 308 -27.20 -14.17 21.20
C ASP A 308 -27.66 -15.22 22.25
N ALA A 309 -28.75 -15.94 21.94
CA ALA A 309 -29.26 -16.98 22.85
C ALA A 309 -28.39 -18.28 22.85
N GLU A 310 -27.69 -18.57 21.74
CA GLU A 310 -26.85 -19.76 21.60
C GLU A 310 -25.64 -19.74 22.53
N GLU A 311 -25.31 -20.91 23.09
CA GLU A 311 -24.15 -21.16 23.94
C GLU A 311 -23.13 -21.75 22.97
N VAL A 312 -22.15 -20.96 22.64
CA VAL A 312 -21.12 -21.31 21.70
C VAL A 312 -19.80 -21.12 22.44
N ASP A 313 -19.06 -22.22 22.57
CA ASP A 313 -17.75 -22.22 23.24
C ASP A 313 -16.74 -21.75 22.22
N PHE A 314 -16.73 -20.41 21.97
CA PHE A 314 -15.85 -19.75 21.00
C PHE A 314 -14.38 -19.98 21.31
N ALA A 315 -13.97 -19.82 22.60
CA ALA A 315 -12.60 -20.04 23.07
C ALA A 315 -12.11 -21.48 22.80
N GLY A 316 -12.97 -22.47 23.04
CA GLY A 316 -12.66 -23.87 22.82
C GLY A 316 -12.47 -24.16 21.34
N TRP A 317 -13.36 -23.61 20.51
CA TRP A 317 -13.27 -23.77 19.06
C TRP A 317 -11.99 -23.10 18.51
N LEU A 318 -11.71 -21.83 18.92
CA LEU A 318 -10.54 -21.06 18.47
C LEU A 318 -9.24 -21.82 18.81
N CYS A 319 -9.04 -22.13 20.10
CA CYS A 319 -7.89 -22.88 20.64
C CYS A 319 -7.70 -24.23 19.97
N SER A 320 -8.77 -24.95 19.63
CA SER A 320 -8.57 -26.23 18.97
C SER A 320 -8.29 -26.12 17.47
N THR A 321 -8.85 -25.13 16.75
CA THR A 321 -8.61 -25.09 15.31
C THR A 321 -7.31 -24.33 14.92
N ILE A 322 -6.75 -23.49 15.80
CA ILE A 322 -5.48 -22.81 15.46
C ILE A 322 -4.30 -23.30 16.34
N GLY A 323 -4.59 -24.19 17.28
CA GLY A 323 -3.59 -24.80 18.15
C GLY A 323 -3.06 -23.90 19.25
N LEU A 324 -3.94 -23.09 19.86
CA LEU A 324 -3.61 -22.20 20.97
C LEU A 324 -3.71 -22.97 22.29
N ASN A 325 -2.76 -22.72 23.20
CA ASN A 325 -2.71 -23.35 24.52
C ASN A 325 -3.58 -22.60 25.52
N GLU B 22 27.76 1.80 -29.79
CA GLU B 22 26.60 1.83 -28.89
C GLU B 22 26.52 3.14 -28.09
N LEU B 23 27.61 3.50 -27.39
CA LEU B 23 27.73 4.68 -26.53
C LEU B 23 28.65 5.76 -27.12
N ASP B 24 28.45 7.02 -26.71
CA ASP B 24 29.34 8.08 -27.13
C ASP B 24 30.56 8.14 -26.18
N GLU B 25 31.39 9.20 -26.25
CA GLU B 25 32.59 9.31 -25.43
C GLU B 25 32.28 9.56 -23.94
N GLN B 26 31.48 10.61 -23.63
CA GLN B 26 31.11 10.96 -22.25
C GLN B 26 30.42 9.79 -21.54
N GLN B 27 29.51 9.08 -22.24
CA GLN B 27 28.76 7.93 -21.71
C GLN B 27 29.66 6.76 -21.32
N ARG B 28 30.66 6.45 -22.17
CA ARG B 28 31.63 5.37 -21.95
C ARG B 28 32.40 5.57 -20.64
N LYS B 29 33.05 6.74 -20.47
CA LYS B 29 33.79 7.10 -19.26
C LYS B 29 32.89 7.06 -18.02
N ARG B 30 31.65 7.60 -18.12
CA ARG B 30 30.63 7.63 -17.05
C ARG B 30 30.29 6.22 -16.61
N LEU B 31 30.13 5.30 -17.59
CA LEU B 31 29.81 3.89 -17.37
C LEU B 31 31.01 3.14 -16.76
N GLU B 32 32.25 3.50 -17.19
CA GLU B 32 33.50 2.93 -16.70
C GLU B 32 33.73 3.35 -15.23
N ALA B 33 33.58 4.66 -14.92
CA ALA B 33 33.75 5.25 -13.60
C ALA B 33 32.84 4.61 -12.55
N PHE B 34 31.61 4.20 -12.94
CA PHE B 34 30.67 3.52 -12.03
C PHE B 34 31.15 2.10 -11.74
N LEU B 35 31.48 1.33 -12.81
CA LEU B 35 31.95 -0.05 -12.70
C LEU B 35 33.21 -0.17 -11.85
N THR B 36 34.12 0.81 -11.95
CA THR B 36 35.35 0.86 -11.16
C THR B 36 35.00 1.15 -9.69
N GLN B 37 34.02 2.06 -9.48
CA GLN B 37 33.51 2.43 -8.15
C GLN B 37 32.82 1.22 -7.48
N LYS B 38 32.12 0.39 -8.29
CA LYS B 38 31.41 -0.81 -7.88
C LYS B 38 32.40 -1.95 -7.63
N GLN B 39 33.47 -2.02 -8.44
CA GLN B 39 34.52 -3.05 -8.29
C GLN B 39 35.16 -3.03 -6.91
N LYS B 40 35.24 -1.83 -6.27
CA LYS B 40 35.82 -1.65 -4.94
C LYS B 40 34.77 -1.76 -3.80
N VAL B 41 33.72 -2.58 -3.99
CA VAL B 41 32.70 -2.88 -2.97
C VAL B 41 32.52 -4.41 -2.93
N GLY B 42 32.37 -4.97 -1.74
CA GLY B 42 32.25 -6.42 -1.56
C GLY B 42 30.88 -6.91 -1.14
N GLU B 43 30.85 -7.65 -0.02
CA GLU B 43 29.65 -8.22 0.58
C GLU B 43 28.85 -7.09 1.23
N LEU B 44 27.59 -6.96 0.82
CA LEU B 44 26.73 -5.92 1.36
C LEU B 44 26.12 -6.44 2.66
N LYS B 45 26.41 -5.76 3.78
CA LYS B 45 25.93 -6.17 5.10
C LYS B 45 25.04 -5.07 5.68
N ASP B 46 23.98 -5.46 6.40
CA ASP B 46 23.00 -4.55 7.02
C ASP B 46 23.61 -3.37 7.80
N ASP B 47 24.70 -3.65 8.57
CA ASP B 47 25.41 -2.68 9.42
C ASP B 47 26.53 -1.90 8.71
N ASP B 48 26.75 -2.14 7.39
CA ASP B 48 27.77 -1.45 6.60
C ASP B 48 27.32 -0.04 6.23
N PHE B 49 26.03 0.24 6.41
CA PHE B 49 25.41 1.49 6.00
C PHE B 49 25.09 2.44 7.16
N GLU B 50 25.00 3.75 6.84
CA GLU B 50 24.70 4.78 7.82
C GLU B 50 23.76 5.81 7.20
N LYS B 51 22.55 5.87 7.74
CA LYS B 51 21.45 6.73 7.34
C LYS B 51 21.79 8.22 7.41
N ILE B 52 21.84 8.87 6.24
CA ILE B 52 22.06 10.29 6.12
C ILE B 52 20.67 10.95 6.18
N SER B 53 19.78 10.60 5.26
CA SER B 53 18.42 11.14 5.15
C SER B 53 17.50 10.16 4.43
N GLU B 54 16.23 10.56 4.24
CA GLU B 54 15.22 9.79 3.53
C GLU B 54 14.94 10.48 2.21
N LEU B 55 15.25 9.79 1.11
CA LEU B 55 15.03 10.30 -0.25
C LEU B 55 13.56 10.25 -0.60
N GLY B 56 12.86 9.28 -0.01
CA GLY B 56 11.42 9.14 -0.23
C GLY B 56 10.89 7.80 0.17
N ALA B 57 9.57 7.69 0.14
CA ALA B 57 8.86 6.47 0.46
C ALA B 57 7.84 6.26 -0.66
N GLY B 58 7.43 5.03 -0.86
CA GLY B 58 6.44 4.70 -1.88
C GLY B 58 5.44 3.69 -1.37
N ASN B 59 4.83 2.92 -2.29
CA ASN B 59 3.85 1.89 -1.99
C ASN B 59 4.43 0.79 -1.08
N GLY B 60 5.45 0.08 -1.58
CA GLY B 60 6.06 -1.02 -0.83
C GLY B 60 7.45 -0.85 -0.23
N GLY B 61 8.10 0.27 -0.50
CA GLY B 61 9.45 0.49 0.00
C GLY B 61 9.75 1.88 0.55
N VAL B 62 10.91 1.97 1.20
CA VAL B 62 11.47 3.21 1.75
C VAL B 62 12.90 3.32 1.24
N VAL B 63 13.28 4.47 0.67
CA VAL B 63 14.65 4.57 0.19
C VAL B 63 15.39 5.71 0.94
N PHE B 64 16.59 5.39 1.41
CA PHE B 64 17.43 6.31 2.15
C PHE B 64 18.72 6.56 1.43
N LYS B 65 19.25 7.78 1.60
CA LYS B 65 20.60 8.15 1.18
C LYS B 65 21.44 7.66 2.36
N VAL B 66 22.37 6.74 2.07
CA VAL B 66 23.22 6.13 3.07
C VAL B 66 24.68 6.17 2.64
N SER B 67 25.58 6.06 3.61
CA SER B 67 26.98 5.97 3.33
C SER B 67 27.35 4.52 3.55
N HIS B 68 28.04 3.93 2.58
CA HIS B 68 28.55 2.57 2.71
C HIS B 68 29.91 2.77 3.36
N LYS B 69 30.02 2.45 4.66
CA LYS B 69 31.21 2.62 5.49
C LYS B 69 32.49 1.93 4.92
N PRO B 70 32.47 0.64 4.46
CA PRO B 70 33.71 0.02 3.96
C PRO B 70 34.37 0.63 2.72
N SER B 71 33.59 1.37 1.92
CA SER B 71 34.08 1.98 0.68
C SER B 71 33.97 3.52 0.67
N GLY B 72 33.22 4.07 1.62
CA GLY B 72 32.98 5.51 1.77
C GLY B 72 31.90 6.06 0.85
N LEU B 73 31.49 5.25 -0.14
CA LEU B 73 30.49 5.52 -1.18
C LEU B 73 29.12 5.99 -0.67
N VAL B 74 28.55 6.99 -1.34
CA VAL B 74 27.22 7.52 -1.03
C VAL B 74 26.29 6.71 -1.93
N MET B 75 25.35 5.99 -1.32
CA MET B 75 24.41 5.13 -2.04
C MET B 75 22.95 5.46 -1.74
N ALA B 76 22.03 4.90 -2.54
CA ALA B 76 20.60 4.96 -2.30
C ALA B 76 20.21 3.53 -1.95
N ARG B 77 19.63 3.33 -0.76
CA ARG B 77 19.24 2.02 -0.30
C ARG B 77 17.73 1.93 -0.20
N LYS B 78 17.12 1.06 -1.00
CA LYS B 78 15.68 0.85 -0.93
C LYS B 78 15.46 -0.36 -0.03
N LEU B 79 14.62 -0.21 0.99
CA LEU B 79 14.28 -1.28 1.91
C LEU B 79 12.81 -1.66 1.75
N ILE B 80 12.57 -2.94 1.43
CA ILE B 80 11.23 -3.47 1.22
C ILE B 80 10.97 -4.48 2.33
N HIS B 81 9.99 -4.17 3.18
CA HIS B 81 9.69 -5.08 4.26
C HIS B 81 8.88 -6.26 3.77
N LEU B 82 9.38 -7.47 4.01
CA LEU B 82 8.72 -8.73 3.67
C LEU B 82 9.25 -9.77 4.63
N GLU B 83 8.45 -10.21 5.59
CA GLU B 83 8.96 -11.31 6.42
C GLU B 83 8.43 -12.55 5.71
N ILE B 84 9.34 -13.23 5.05
CA ILE B 84 9.01 -14.36 4.18
C ILE B 84 9.92 -15.53 4.44
N LYS B 85 9.44 -16.74 4.08
CA LYS B 85 10.16 -18.02 4.17
C LYS B 85 11.51 -17.97 3.42
N PRO B 86 12.58 -18.62 3.95
CA PRO B 86 13.87 -18.62 3.23
C PRO B 86 13.81 -18.97 1.74
N ALA B 87 12.97 -19.95 1.37
CA ALA B 87 12.80 -20.41 -0.02
C ALA B 87 12.35 -19.31 -0.94
N ILE B 88 11.44 -18.44 -0.47
CA ILE B 88 10.97 -17.42 -1.38
C ILE B 88 11.92 -16.17 -1.39
N ARG B 89 12.59 -15.82 -0.27
CA ARG B 89 13.52 -14.69 -0.24
C ARG B 89 14.76 -14.97 -1.09
N ASN B 90 15.22 -16.21 -1.10
CA ASN B 90 16.39 -16.64 -1.89
C ASN B 90 16.03 -16.60 -3.36
N GLN B 91 14.76 -16.87 -3.73
CA GLN B 91 14.33 -16.76 -5.13
C GLN B 91 14.29 -15.27 -5.51
N ILE B 92 13.86 -14.39 -4.58
CA ILE B 92 13.84 -12.93 -4.83
C ILE B 92 15.26 -12.40 -5.05
N ILE B 93 16.17 -12.66 -4.08
CA ILE B 93 17.57 -12.25 -4.13
C ILE B 93 18.23 -12.76 -5.42
N ARG B 94 18.01 -14.03 -5.82
CA ARG B 94 18.55 -14.59 -7.07
C ARG B 94 18.08 -13.80 -8.33
N GLU B 95 16.76 -13.53 -8.41
CA GLU B 95 16.16 -12.79 -9.53
C GLU B 95 16.74 -11.37 -9.64
N LEU B 96 17.00 -10.75 -8.48
CA LEU B 96 17.55 -9.39 -8.40
C LEU B 96 19.00 -9.32 -8.86
N GLN B 97 19.74 -10.43 -8.85
CA GLN B 97 21.14 -10.45 -9.30
C GLN B 97 21.32 -10.10 -10.78
N VAL B 98 20.26 -10.24 -11.62
CA VAL B 98 20.29 -9.93 -13.06
C VAL B 98 20.54 -8.43 -13.29
N LEU B 99 20.31 -7.63 -12.24
CA LEU B 99 20.54 -6.19 -12.14
C LEU B 99 22.06 -5.89 -12.32
N HIS B 100 22.95 -6.86 -11.98
CA HIS B 100 24.40 -6.71 -12.17
C HIS B 100 24.79 -6.67 -13.65
N GLU B 101 23.98 -7.34 -14.50
CA GLU B 101 24.13 -7.41 -15.96
C GLU B 101 23.46 -6.21 -16.69
N CYS B 102 22.67 -5.39 -15.96
CA CYS B 102 21.95 -4.25 -16.51
C CYS B 102 22.79 -2.98 -16.55
N ASN B 103 23.72 -2.93 -17.52
CA ASN B 103 24.59 -1.78 -17.69
C ASN B 103 24.20 -0.97 -18.95
N SER B 104 23.73 0.26 -18.72
CA SER B 104 23.29 1.18 -19.77
C SER B 104 23.31 2.60 -19.25
N PRO B 105 23.54 3.64 -20.11
CA PRO B 105 23.46 5.03 -19.60
C PRO B 105 22.04 5.45 -19.16
N TYR B 106 21.02 4.64 -19.47
CA TYR B 106 19.61 4.96 -19.19
C TYR B 106 18.97 4.14 -18.06
N ILE B 107 19.79 3.40 -17.31
CA ILE B 107 19.40 2.54 -16.20
C ILE B 107 20.21 2.95 -14.97
N VAL B 108 19.58 3.13 -13.81
CA VAL B 108 20.30 3.51 -12.57
C VAL B 108 21.31 2.40 -12.23
N GLY B 109 22.50 2.80 -11.81
CA GLY B 109 23.57 1.88 -11.45
C GLY B 109 23.17 1.07 -10.22
N PHE B 110 23.47 -0.21 -10.23
CA PHE B 110 23.11 -1.14 -9.17
C PHE B 110 24.36 -1.74 -8.48
N TYR B 111 24.47 -1.60 -7.13
CA TYR B 111 25.59 -2.16 -6.37
C TYR B 111 25.34 -3.58 -5.87
N GLY B 112 24.11 -3.85 -5.44
CA GLY B 112 23.78 -5.17 -4.92
C GLY B 112 22.45 -5.25 -4.19
N ALA B 113 22.01 -6.48 -3.94
CA ALA B 113 20.75 -6.78 -3.23
C ALA B 113 20.93 -7.90 -2.23
N PHE B 114 20.47 -7.67 -0.99
CA PHE B 114 20.57 -8.66 0.09
C PHE B 114 19.31 -8.62 0.95
N TYR B 115 19.07 -9.70 1.70
CA TYR B 115 17.95 -9.76 2.63
C TYR B 115 18.54 -9.73 4.00
N SER B 116 17.87 -9.03 4.93
CA SER B 116 18.30 -8.92 6.32
C SER B 116 17.11 -8.56 7.23
N ASP B 117 16.93 -9.27 8.35
CA ASP B 117 15.92 -8.99 9.39
C ASP B 117 14.50 -8.61 8.84
N GLY B 118 14.01 -9.36 7.86
CA GLY B 118 12.71 -9.14 7.25
C GLY B 118 12.64 -7.99 6.27
N GLU B 119 13.80 -7.56 5.74
CA GLU B 119 13.89 -6.43 4.82
C GLU B 119 14.75 -6.81 3.65
N ILE B 120 14.23 -6.67 2.45
CA ILE B 120 15.15 -6.89 1.34
C ILE B 120 15.68 -5.48 0.98
N SER B 121 17.00 -5.36 0.79
CA SER B 121 17.66 -4.10 0.45
C SER B 121 18.14 -4.11 -0.96
N ILE B 122 17.84 -3.04 -1.71
CA ILE B 122 18.29 -2.82 -3.09
C ILE B 122 19.17 -1.59 -3.04
N CYS B 123 20.46 -1.80 -3.28
CA CYS B 123 21.46 -0.75 -3.21
C CYS B 123 21.85 -0.29 -4.59
N MET B 124 21.63 0.98 -4.82
CA MET B 124 21.85 1.55 -6.13
C MET B 124 22.60 2.87 -6.09
N GLU B 125 23.07 3.29 -7.25
CA GLU B 125 23.77 4.55 -7.41
C GLU B 125 22.82 5.66 -6.92
N HIS B 126 23.33 6.64 -6.18
CA HIS B 126 22.49 7.71 -5.72
C HIS B 126 22.37 8.77 -6.84
N MET B 127 21.15 9.24 -7.12
CA MET B 127 20.90 10.26 -8.14
C MET B 127 20.53 11.57 -7.44
N ASP B 128 21.51 12.50 -7.41
CA ASP B 128 21.42 13.77 -6.67
C ASP B 128 20.32 14.73 -7.12
N GLY B 129 19.75 14.50 -8.30
CA GLY B 129 18.61 15.28 -8.78
C GLY B 129 17.25 14.72 -8.36
N GLY B 130 17.24 13.52 -7.77
CA GLY B 130 16.01 12.86 -7.37
C GLY B 130 15.19 12.39 -8.55
N SER B 131 13.87 12.17 -8.34
CA SER B 131 12.99 11.76 -9.41
C SER B 131 12.34 12.97 -10.10
N LEU B 132 11.79 12.74 -11.30
CA LEU B 132 11.14 13.81 -12.07
C LEU B 132 9.86 14.22 -11.38
N ASP B 133 9.31 13.35 -10.56
CA ASP B 133 8.17 13.64 -9.73
C ASP B 133 8.58 14.78 -8.76
N GLN B 134 9.78 14.65 -8.13
CA GLN B 134 10.31 15.66 -7.21
C GLN B 134 10.72 16.93 -7.97
N VAL B 135 11.32 16.80 -9.18
CA VAL B 135 11.71 18.02 -9.88
C VAL B 135 10.46 18.75 -10.42
N LEU B 136 9.40 18.01 -10.80
CA LEU B 136 8.14 18.59 -11.28
C LEU B 136 7.52 19.56 -10.26
N LYS B 137 7.62 19.23 -8.97
CA LYS B 137 7.09 20.04 -7.87
C LYS B 137 7.77 21.40 -7.83
N LYS B 138 9.10 21.43 -7.99
CA LYS B 138 9.89 22.66 -7.98
C LYS B 138 9.75 23.41 -9.31
N ALA B 139 9.67 22.68 -10.43
CA ALA B 139 9.59 23.27 -11.77
C ALA B 139 8.20 23.81 -12.17
N GLY B 140 7.14 23.24 -11.61
CA GLY B 140 5.78 23.57 -12.03
C GLY B 140 5.44 22.67 -13.20
N ARG B 141 6.10 22.90 -14.32
CA ARG B 141 5.98 22.12 -15.56
C ARG B 141 7.39 21.87 -16.06
N ILE B 142 7.62 20.73 -16.73
CA ILE B 142 8.91 20.44 -17.34
C ILE B 142 8.83 20.88 -18.83
N PRO B 143 9.78 21.72 -19.35
CA PRO B 143 9.69 22.17 -20.74
C PRO B 143 9.68 21.02 -21.74
N GLU B 144 8.98 21.21 -22.84
CA GLU B 144 8.90 20.25 -23.93
C GLU B 144 10.32 19.81 -24.41
N GLN B 145 11.28 20.74 -24.51
CA GLN B 145 12.63 20.36 -24.97
C GLN B 145 13.33 19.41 -24.02
N ILE B 146 13.13 19.59 -22.70
CA ILE B 146 13.66 18.67 -21.69
C ILE B 146 12.91 17.32 -21.80
N LEU B 147 11.57 17.36 -22.01
CA LEU B 147 10.81 16.13 -22.16
C LEU B 147 11.20 15.27 -23.38
N GLY B 148 11.75 15.87 -24.43
CA GLY B 148 12.27 15.15 -25.58
C GLY B 148 13.46 14.31 -25.17
N LYS B 149 14.33 14.87 -24.31
CA LYS B 149 15.50 14.16 -23.77
C LYS B 149 15.08 13.09 -22.82
N VAL B 150 14.03 13.36 -22.02
CA VAL B 150 13.50 12.35 -21.11
C VAL B 150 12.91 11.22 -21.93
N SER B 151 12.14 11.55 -23.01
CA SER B 151 11.50 10.57 -23.90
C SER B 151 12.51 9.62 -24.53
N ILE B 152 13.62 10.16 -25.08
CA ILE B 152 14.72 9.39 -25.69
C ILE B 152 15.29 8.41 -24.62
N ALA B 153 15.58 8.95 -23.42
CA ALA B 153 16.09 8.16 -22.28
C ALA B 153 15.16 7.00 -21.94
N VAL B 154 13.86 7.26 -21.74
CA VAL B 154 12.92 6.20 -21.39
C VAL B 154 12.85 5.15 -22.50
N ILE B 155 12.78 5.57 -23.75
CA ILE B 155 12.72 4.63 -24.86
C ILE B 155 13.99 3.81 -24.98
N LYS B 156 15.17 4.44 -24.87
CA LYS B 156 16.41 3.69 -24.99
C LYS B 156 16.56 2.69 -23.81
N GLY B 157 16.16 3.11 -22.62
CA GLY B 157 16.17 2.26 -21.42
C GLY B 157 15.28 1.04 -21.52
N LEU B 158 14.03 1.25 -21.99
CA LEU B 158 12.98 0.23 -22.22
C LEU B 158 13.46 -0.71 -23.33
N THR B 159 14.12 -0.15 -24.34
CA THR B 159 14.67 -0.91 -25.45
C THR B 159 15.78 -1.82 -24.96
N TYR B 160 16.72 -1.27 -24.17
CA TYR B 160 17.85 -2.02 -23.61
C TYR B 160 17.33 -3.19 -22.75
N LEU B 161 16.42 -2.90 -21.81
CA LEU B 161 15.84 -3.93 -20.94
C LEU B 161 15.19 -5.06 -21.71
N ARG B 162 14.39 -4.72 -22.73
CA ARG B 162 13.67 -5.67 -23.58
C ARG B 162 14.61 -6.51 -24.46
N GLU B 163 15.56 -5.87 -25.14
CA GLU B 163 16.48 -6.54 -26.06
C GLU B 163 17.62 -7.33 -25.39
N LYS B 164 18.27 -6.74 -24.37
CA LYS B 164 19.42 -7.37 -23.73
C LYS B 164 19.05 -8.39 -22.64
N HIS B 165 17.97 -8.14 -21.88
CA HIS B 165 17.59 -9.02 -20.76
C HIS B 165 16.18 -9.58 -20.83
N LYS B 166 15.42 -9.33 -21.93
CA LYS B 166 14.02 -9.77 -22.12
C LYS B 166 13.11 -9.36 -20.94
N ILE B 167 13.29 -8.15 -20.39
CA ILE B 167 12.45 -7.73 -19.27
C ILE B 167 11.62 -6.49 -19.60
N MET B 168 10.41 -6.42 -19.00
CA MET B 168 9.51 -5.27 -19.08
C MET B 168 9.65 -4.51 -17.79
N HIS B 169 9.56 -3.19 -17.86
CA HIS B 169 9.68 -2.32 -16.71
C HIS B 169 8.53 -2.51 -15.73
N ARG B 170 7.27 -2.42 -16.21
CA ARG B 170 6.02 -2.67 -15.43
C ARG B 170 5.62 -1.54 -14.49
N ASP B 171 6.50 -0.54 -14.26
CA ASP B 171 6.18 0.56 -13.34
C ASP B 171 6.69 1.96 -13.82
N VAL B 172 6.51 2.29 -15.11
CA VAL B 172 6.99 3.58 -15.62
C VAL B 172 6.11 4.72 -15.04
N LYS B 173 6.74 5.74 -14.42
CA LYS B 173 6.05 6.90 -13.83
C LYS B 173 7.10 7.92 -13.48
N PRO B 174 6.73 9.21 -13.23
CA PRO B 174 7.77 10.23 -12.95
C PRO B 174 8.68 9.92 -11.77
N SER B 175 8.18 9.19 -10.75
CA SER B 175 9.00 8.80 -9.59
C SER B 175 10.04 7.72 -9.94
N ASN B 176 9.88 7.03 -11.08
CA ASN B 176 10.81 5.97 -11.47
C ASN B 176 11.76 6.40 -12.59
N ILE B 177 11.83 7.72 -12.85
CA ILE B 177 12.74 8.35 -13.80
C ILE B 177 13.61 9.31 -12.92
N LEU B 178 14.89 8.97 -12.82
CA LEU B 178 15.91 9.63 -11.98
C LEU B 178 16.84 10.49 -12.78
N VAL B 179 17.21 11.62 -12.20
CA VAL B 179 18.09 12.56 -12.89
C VAL B 179 19.22 12.99 -12.01
N ASN B 180 20.30 13.49 -12.61
CA ASN B 180 21.41 13.97 -11.78
C ASN B 180 22.05 15.24 -12.35
N SER B 181 22.90 15.89 -11.53
CA SER B 181 23.66 17.11 -11.84
C SER B 181 24.59 16.94 -13.05
N ARG B 182 24.87 15.68 -13.46
CA ARG B 182 25.69 15.38 -14.64
C ARG B 182 24.83 15.42 -15.91
N GLY B 183 23.51 15.58 -15.72
CA GLY B 183 22.57 15.67 -16.83
C GLY B 183 22.05 14.31 -17.28
N GLU B 184 22.33 13.27 -16.51
CA GLU B 184 21.87 11.94 -16.88
C GLU B 184 20.41 11.72 -16.49
N ILE B 185 19.67 10.93 -17.31
CA ILE B 185 18.26 10.55 -17.12
C ILE B 185 18.25 9.01 -17.12
N LYS B 186 17.88 8.39 -15.99
CA LYS B 186 17.90 6.93 -15.90
C LYS B 186 16.63 6.35 -15.28
N LEU B 187 16.23 5.13 -15.70
CA LEU B 187 15.08 4.43 -15.13
C LEU B 187 15.50 3.60 -13.91
N CYS B 188 14.59 3.44 -12.91
CA CYS B 188 14.81 2.56 -11.73
C CYS B 188 13.55 1.76 -11.52
N ASP B 189 13.55 0.82 -10.55
CA ASP B 189 12.36 0.06 -10.15
C ASP B 189 11.63 -0.70 -11.27
N PHE B 190 12.39 -1.30 -12.20
CA PHE B 190 11.80 -2.13 -13.24
C PHE B 190 11.63 -3.56 -12.71
N GLY B 191 10.65 -4.29 -13.27
CA GLY B 191 10.24 -5.62 -12.85
C GLY B 191 11.21 -6.72 -13.19
N VAL B 192 12.39 -6.66 -12.56
CA VAL B 192 13.45 -7.61 -12.77
C VAL B 192 13.12 -8.95 -12.07
N SER B 193 12.35 -8.89 -10.98
CA SER B 193 11.97 -10.01 -10.16
C SER B 193 10.46 -10.25 -10.09
N GLY B 194 10.01 -11.32 -10.74
CA GLY B 194 8.61 -11.73 -10.70
C GLY B 194 8.15 -12.12 -9.31
N GLN B 195 9.02 -12.83 -8.53
CA GLN B 195 8.71 -13.21 -7.16
C GLN B 195 8.54 -11.99 -6.24
N LEU B 196 9.39 -10.97 -6.39
CA LEU B 196 9.29 -9.73 -5.62
C LEU B 196 7.87 -9.15 -5.81
N ILE B 197 7.47 -8.94 -7.08
CA ILE B 197 6.16 -8.43 -7.50
C ILE B 197 5.00 -9.27 -6.90
N ASP B 198 5.07 -10.61 -7.01
CA ASP B 198 4.02 -11.50 -6.46
C ASP B 198 3.87 -11.40 -4.94
N SER B 199 4.99 -11.25 -4.22
CA SER B 199 5.01 -11.15 -2.76
C SER B 199 4.50 -9.83 -2.19
N MET B 200 4.83 -8.69 -2.83
CA MET B 200 4.43 -7.36 -2.32
C MET B 200 3.28 -6.71 -3.16
N ALA B 201 2.03 -7.10 -2.87
CA ALA B 201 0.84 -6.57 -3.56
C ALA B 201 0.41 -5.21 -2.99
N THR B 207 -4.85 6.67 -5.42
CA THR B 207 -5.25 8.03 -5.78
C THR B 207 -4.91 8.32 -7.27
N ARG B 208 -3.73 7.87 -7.74
CA ARG B 208 -3.27 8.00 -9.13
C ARG B 208 -2.87 6.62 -9.61
N SER B 209 -2.92 6.41 -10.92
CA SER B 209 -2.49 5.17 -11.58
C SER B 209 -1.92 5.42 -12.98
N TYR B 210 -0.83 4.72 -13.32
CA TYR B 210 -0.16 4.83 -14.60
C TYR B 210 -0.38 3.56 -15.41
N MET B 211 -1.24 2.68 -14.88
CA MET B 211 -1.58 1.40 -15.52
C MET B 211 -2.39 1.56 -16.77
N SER B 212 -1.96 0.89 -17.84
CA SER B 212 -2.68 0.96 -19.13
C SER B 212 -4.09 0.42 -18.95
N PRO B 213 -5.11 0.87 -19.72
CA PRO B 213 -6.45 0.30 -19.55
C PRO B 213 -6.48 -1.22 -19.67
N GLU B 214 -5.67 -1.84 -20.58
CA GLU B 214 -5.66 -3.30 -20.73
C GLU B 214 -5.05 -3.98 -19.51
N ARG B 215 -4.03 -3.37 -18.86
CA ARG B 215 -3.46 -3.96 -17.64
C ARG B 215 -4.50 -3.91 -16.51
N LEU B 216 -5.30 -2.81 -16.44
CA LEU B 216 -6.36 -2.71 -15.44
C LEU B 216 -7.44 -3.78 -15.59
N GLN B 217 -7.67 -4.24 -16.84
CA GLN B 217 -8.67 -5.28 -17.15
C GLN B 217 -8.07 -6.69 -17.08
N GLY B 218 -6.81 -6.79 -16.63
CA GLY B 218 -6.15 -8.08 -16.38
C GLY B 218 -5.20 -8.62 -17.42
N THR B 219 -4.90 -7.85 -18.47
CA THR B 219 -3.97 -8.32 -19.49
C THR B 219 -2.57 -8.42 -18.89
N HIS B 220 -1.80 -9.48 -19.28
CA HIS B 220 -0.43 -9.68 -18.82
C HIS B 220 0.41 -8.50 -19.31
N TYR B 221 1.49 -8.22 -18.57
CA TYR B 221 2.33 -7.07 -18.90
C TYR B 221 3.00 -7.17 -20.26
N SER B 222 3.13 -6.02 -20.95
CA SER B 222 3.73 -5.93 -22.29
C SER B 222 4.51 -4.62 -22.39
N VAL B 223 5.37 -4.45 -23.41
CA VAL B 223 6.05 -3.17 -23.55
C VAL B 223 5.00 -2.09 -23.91
N GLN B 224 3.85 -2.50 -24.51
CA GLN B 224 2.76 -1.58 -24.89
C GLN B 224 2.20 -0.93 -23.64
N SER B 225 2.15 -1.69 -22.54
CA SER B 225 1.70 -1.13 -21.29
C SER B 225 2.74 -0.11 -20.77
N ASP B 226 4.03 -0.34 -20.99
CA ASP B 226 5.10 0.60 -20.57
C ASP B 226 5.02 1.89 -21.41
N ILE B 227 4.62 1.76 -22.68
CA ILE B 227 4.51 2.92 -23.59
C ILE B 227 3.34 3.79 -23.16
N TRP B 228 2.21 3.19 -22.82
CA TRP B 228 1.09 3.93 -22.26
C TRP B 228 1.55 4.70 -20.99
N SER B 229 2.16 4.00 -20.01
CA SER B 229 2.62 4.65 -18.77
C SER B 229 3.55 5.81 -19.07
N MET B 230 4.43 5.64 -20.06
CA MET B 230 5.35 6.69 -20.50
C MET B 230 4.58 7.89 -21.09
N GLY B 231 3.60 7.64 -21.96
CA GLY B 231 2.78 8.69 -22.56
C GLY B 231 2.03 9.51 -21.53
N LEU B 232 1.45 8.82 -20.57
CA LEU B 232 0.75 9.47 -19.46
C LEU B 232 1.71 10.36 -18.60
N SER B 233 2.91 9.83 -18.28
CA SER B 233 3.96 10.51 -17.49
C SER B 233 4.42 11.75 -18.24
N LEU B 234 4.52 11.65 -19.57
CA LEU B 234 4.90 12.82 -20.35
C LEU B 234 3.84 13.91 -20.31
N VAL B 235 2.56 13.54 -20.38
CA VAL B 235 1.47 14.53 -20.33
C VAL B 235 1.49 15.19 -18.94
N GLU B 236 1.57 14.37 -17.88
CA GLU B 236 1.61 14.89 -16.52
C GLU B 236 2.75 15.91 -16.34
N MET B 237 3.97 15.56 -16.81
CA MET B 237 5.14 16.42 -16.68
C MET B 237 5.05 17.68 -17.53
N ALA B 238 4.44 17.57 -18.74
CA ALA B 238 4.24 18.71 -19.64
C ALA B 238 3.29 19.76 -19.07
N VAL B 239 2.22 19.33 -18.42
CA VAL B 239 1.16 20.20 -17.91
C VAL B 239 1.25 20.36 -16.36
N GLY B 240 2.17 19.64 -15.74
CA GLY B 240 2.44 19.76 -14.32
C GLY B 240 1.41 19.20 -13.36
N ARG B 241 0.49 18.37 -13.85
CA ARG B 241 -0.53 17.72 -13.03
C ARG B 241 -0.99 16.44 -13.64
N TYR B 242 -1.40 15.51 -12.80
CA TYR B 242 -1.86 14.19 -13.21
C TYR B 242 -3.14 14.40 -14.08
N PRO B 243 -3.11 14.02 -15.37
CA PRO B 243 -4.17 14.46 -16.29
C PRO B 243 -5.44 13.62 -16.42
N ILE B 244 -5.65 12.62 -15.56
CA ILE B 244 -6.85 11.76 -15.62
C ILE B 244 -7.94 12.39 -14.75
N GLY B 245 -9.14 12.49 -15.33
CA GLY B 245 -10.34 13.06 -14.72
C GLY B 245 -10.16 14.12 -13.65
N SER B 250 -9.00 13.43 -4.42
CA SER B 250 -9.52 13.86 -5.73
C SER B 250 -10.61 12.87 -6.18
N MET B 251 -10.22 11.70 -6.73
CA MET B 251 -11.16 10.68 -7.21
C MET B 251 -11.14 9.44 -6.37
N ALA B 252 -12.30 8.77 -6.24
CA ALA B 252 -12.42 7.47 -5.58
C ALA B 252 -11.74 6.43 -6.52
N ILE B 253 -11.40 5.23 -5.99
CA ILE B 253 -10.68 4.16 -6.71
C ILE B 253 -11.37 3.78 -8.02
N PHE B 254 -12.62 3.32 -7.97
CA PHE B 254 -13.34 2.95 -9.19
C PHE B 254 -13.56 4.17 -10.13
N GLU B 255 -13.89 5.34 -9.56
CA GLU B 255 -14.09 6.58 -10.32
C GLU B 255 -12.88 6.81 -11.22
N LEU B 256 -11.66 6.67 -10.64
CA LEU B 256 -10.41 6.85 -11.38
C LEU B 256 -10.19 5.76 -12.45
N LEU B 257 -10.34 4.49 -12.07
CA LEU B 257 -10.09 3.38 -13.00
C LEU B 257 -11.12 3.36 -14.15
N ASP B 258 -12.36 3.80 -13.87
CA ASP B 258 -13.42 3.92 -14.87
C ASP B 258 -13.05 4.98 -15.90
N TYR B 259 -12.42 6.11 -15.48
CA TYR B 259 -11.96 7.16 -16.39
C TYR B 259 -10.88 6.59 -17.31
N ILE B 260 -9.91 5.81 -16.77
CA ILE B 260 -8.81 5.25 -17.59
C ILE B 260 -9.34 4.25 -18.62
N VAL B 261 -10.21 3.36 -18.20
CA VAL B 261 -10.79 2.30 -19.01
C VAL B 261 -11.87 2.76 -19.99
N ASN B 262 -12.81 3.61 -19.55
CA ASN B 262 -13.97 3.93 -20.35
C ASN B 262 -14.01 5.33 -20.93
N GLU B 263 -13.03 6.19 -20.59
CA GLU B 263 -13.03 7.54 -21.16
C GLU B 263 -11.82 7.76 -22.10
N PRO B 264 -11.83 8.76 -23.01
CA PRO B 264 -10.67 8.89 -23.92
C PRO B 264 -9.38 9.24 -23.20
N PRO B 265 -8.21 8.84 -23.77
CA PRO B 265 -6.92 9.22 -23.17
C PRO B 265 -6.76 10.73 -23.02
N PRO B 266 -5.93 11.23 -22.05
CA PRO B 266 -5.70 12.69 -21.97
C PRO B 266 -4.90 13.21 -23.19
N LYS B 267 -5.08 14.48 -23.55
CA LYS B 267 -4.39 15.13 -24.64
C LYS B 267 -3.69 16.33 -24.11
N LEU B 268 -2.57 16.69 -24.74
CA LEU B 268 -1.84 17.88 -24.43
C LEU B 268 -2.72 19.06 -24.92
N PRO B 269 -2.83 20.19 -24.18
CA PRO B 269 -3.59 21.33 -24.73
C PRO B 269 -2.90 21.94 -25.96
N SER B 270 -3.70 22.46 -26.91
CA SER B 270 -3.17 23.08 -28.09
C SER B 270 -2.80 24.54 -27.81
N GLY B 271 -1.78 25.01 -28.49
CA GLY B 271 -1.31 26.38 -28.34
C GLY B 271 0.07 26.57 -27.77
N VAL B 272 0.50 25.69 -26.86
CA VAL B 272 1.81 25.82 -26.20
C VAL B 272 2.79 24.66 -26.58
N PHE B 273 2.26 23.50 -27.02
CA PHE B 273 3.05 22.32 -27.42
C PHE B 273 3.08 22.09 -28.90
N SER B 274 4.25 21.72 -29.46
CA SER B 274 4.42 21.39 -30.89
C SER B 274 3.51 20.24 -31.31
N LEU B 275 3.10 20.24 -32.59
CA LEU B 275 2.26 19.19 -33.19
C LEU B 275 2.94 17.82 -33.12
N GLU B 276 4.29 17.78 -33.18
CA GLU B 276 5.08 16.55 -33.13
C GLU B 276 5.01 15.99 -31.70
N PHE B 277 5.06 16.86 -30.65
CA PHE B 277 4.97 16.41 -29.26
C PHE B 277 3.56 15.88 -29.02
N GLN B 278 2.53 16.58 -29.50
CA GLN B 278 1.11 16.13 -29.39
C GLN B 278 0.92 14.79 -30.09
N ASP B 279 1.47 14.65 -31.33
CA ASP B 279 1.34 13.41 -32.06
C ASP B 279 2.03 12.27 -31.35
N PHE B 280 3.23 12.50 -30.79
CA PHE B 280 4.01 11.49 -30.01
C PHE B 280 3.26 10.93 -28.81
N VAL B 281 2.70 11.84 -27.97
CA VAL B 281 1.95 11.40 -26.79
C VAL B 281 0.63 10.72 -27.21
N ASN B 282 0.00 11.21 -28.30
CA ASN B 282 -1.25 10.61 -28.81
C ASN B 282 -1.01 9.19 -29.25
N LYS B 283 0.13 8.92 -29.92
CA LYS B 283 0.51 7.56 -30.36
C LYS B 283 0.78 6.63 -29.14
N CYS B 284 1.32 7.18 -28.02
CA CYS B 284 1.56 6.43 -26.76
C CYS B 284 0.28 6.10 -26.03
N LEU B 285 -0.72 6.98 -26.13
CA LEU B 285 -1.96 6.85 -25.39
C LEU B 285 -3.14 6.22 -26.17
N ILE B 286 -2.90 5.59 -27.31
CA ILE B 286 -4.01 4.92 -28.00
C ILE B 286 -4.56 3.80 -27.07
N LYS B 287 -5.87 3.76 -26.82
CA LYS B 287 -6.43 2.77 -25.90
C LYS B 287 -6.22 1.31 -26.35
N ASN B 288 -6.43 1.02 -27.64
CA ASN B 288 -6.26 -0.30 -28.22
C ASN B 288 -4.74 -0.56 -28.31
N PRO B 289 -4.16 -1.48 -27.48
CA PRO B 289 -2.71 -1.73 -27.52
C PRO B 289 -2.17 -2.17 -28.90
N ALA B 290 -3.02 -2.76 -29.75
CA ALA B 290 -2.58 -3.17 -31.08
C ALA B 290 -2.46 -1.97 -32.04
N GLU B 291 -3.09 -0.81 -31.72
CA GLU B 291 -3.00 0.39 -32.56
C GLU B 291 -1.96 1.38 -32.01
N ARG B 292 -1.69 1.26 -30.72
CA ARG B 292 -0.71 2.05 -30.02
C ARG B 292 0.67 1.79 -30.60
N ALA B 293 1.53 2.83 -30.62
CA ALA B 293 2.87 2.69 -31.15
C ALA B 293 3.72 1.71 -30.36
N ASP B 294 4.70 1.09 -31.03
CA ASP B 294 5.62 0.18 -30.33
C ASP B 294 6.95 0.93 -30.23
N LEU B 295 7.96 0.37 -29.58
CA LEU B 295 9.24 1.07 -29.38
C LEU B 295 9.95 1.50 -30.67
N LYS B 296 9.98 0.61 -31.66
CA LYS B 296 10.63 0.78 -32.98
C LYS B 296 10.06 2.02 -33.68
N GLN B 297 8.72 2.12 -33.67
CA GLN B 297 7.96 3.23 -34.22
C GLN B 297 8.22 4.51 -33.44
N LEU B 298 8.37 4.41 -32.10
CA LEU B 298 8.64 5.61 -31.32
C LEU B 298 10.05 6.16 -31.54
N MET B 299 11.03 5.27 -31.69
CA MET B 299 12.43 5.65 -31.91
C MET B 299 12.65 6.49 -33.20
N VAL B 300 11.77 6.32 -34.20
CA VAL B 300 11.84 7.04 -35.47
C VAL B 300 10.73 8.09 -35.60
N HIS B 301 10.04 8.39 -34.49
CA HIS B 301 8.97 9.38 -34.53
C HIS B 301 9.59 10.78 -34.69
N ALA B 302 8.87 11.69 -35.36
CA ALA B 302 9.33 13.06 -35.59
C ALA B 302 9.74 13.79 -34.31
N PHE B 303 8.99 13.59 -33.21
CA PHE B 303 9.31 14.18 -31.92
C PHE B 303 10.67 13.66 -31.41
N ILE B 304 11.01 12.39 -31.66
CA ILE B 304 12.29 11.81 -31.20
C ILE B 304 13.46 12.25 -32.07
N LYS B 305 13.30 12.19 -33.38
CA LYS B 305 14.31 12.64 -34.31
C LYS B 305 14.64 14.12 -34.05
N ARG B 306 13.61 14.96 -33.76
CA ARG B 306 13.85 16.39 -33.51
C ARG B 306 14.65 16.58 -32.20
N SER B 307 14.15 15.96 -31.10
CA SER B 307 14.75 15.96 -29.76
C SER B 307 16.18 15.42 -29.74
N ASP B 308 16.48 14.40 -30.57
CA ASP B 308 17.84 13.84 -30.67
C ASP B 308 18.84 14.81 -31.28
N ALA B 309 18.36 15.65 -32.21
CA ALA B 309 19.17 16.63 -32.91
C ALA B 309 19.38 17.95 -32.10
N GLU B 310 18.48 18.29 -31.17
CA GLU B 310 18.57 19.49 -30.33
C GLU B 310 19.68 19.41 -29.27
N GLU B 311 20.34 20.54 -29.06
CA GLU B 311 21.38 20.75 -28.07
C GLU B 311 20.65 21.38 -26.88
N VAL B 312 20.39 20.55 -25.85
CA VAL B 312 19.65 21.03 -24.69
C VAL B 312 20.57 20.97 -23.49
N ASP B 313 20.58 22.04 -22.68
CA ASP B 313 21.45 22.04 -21.51
C ASP B 313 20.65 21.60 -20.30
N PHE B 314 20.41 20.28 -20.23
CA PHE B 314 19.62 19.64 -19.18
C PHE B 314 20.26 19.81 -17.81
N ALA B 315 21.57 19.48 -17.66
CA ALA B 315 22.31 19.63 -16.41
C ALA B 315 22.18 21.10 -15.93
N GLY B 316 22.37 22.05 -16.84
CA GLY B 316 22.19 23.48 -16.58
C GLY B 316 20.78 23.78 -16.11
N TRP B 317 19.76 23.32 -16.87
CA TRP B 317 18.34 23.51 -16.53
C TRP B 317 17.98 22.92 -15.15
N LEU B 318 18.41 21.68 -14.89
CA LEU B 318 18.15 20.92 -13.66
C LEU B 318 18.73 21.64 -12.47
N CYS B 319 20.02 21.92 -12.53
CA CYS B 319 20.75 22.60 -11.46
C CYS B 319 20.18 23.99 -11.17
N SER B 320 19.71 24.71 -12.19
CA SER B 320 19.07 26.00 -11.99
C SER B 320 17.67 25.88 -11.37
N THR B 321 16.86 24.89 -11.75
CA THR B 321 15.50 24.75 -11.19
C THR B 321 15.48 24.10 -9.79
N ILE B 322 16.31 23.09 -9.54
CA ILE B 322 16.27 22.43 -8.23
C ILE B 322 17.40 22.88 -7.28
N GLY B 323 18.24 23.81 -7.74
CA GLY B 323 19.36 24.36 -6.97
C GLY B 323 20.44 23.35 -6.64
N LEU B 324 21.11 22.79 -7.67
CA LEU B 324 22.18 21.81 -7.50
C LEU B 324 23.54 22.39 -7.88
N ASN B 325 24.62 21.81 -7.29
CA ASN B 325 26.05 22.15 -7.43
C ASN B 325 26.32 23.66 -7.49
PG ANP C . -5.17 -2.47 7.30
O1G ANP C . -4.15 -1.49 7.62
O2G ANP C . -6.09 -1.84 6.20
O3G ANP C . -6.00 -2.71 8.63
PB ANP C . -4.27 -5.34 7.51
O1B ANP C . -5.20 -5.55 8.60
O2B ANP C . -4.23 -6.63 6.60
N3B ANP C . -4.61 -3.93 6.72
PA ANP C . -2.30 -4.68 9.48
O1A ANP C . -3.31 -3.80 10.08
O2A ANP C . -0.92 -4.05 9.27
O3A ANP C . -2.80 -5.21 8.06
O5' ANP C . -2.13 -5.96 10.36
C5' ANP C . -1.35 -7.08 9.93
C4' ANP C . -1.76 -8.23 10.80
O4' ANP C . -1.28 -8.04 12.14
C3' ANP C . -3.27 -8.37 10.99
O3' ANP C . -3.85 -9.01 9.86
C2' ANP C . -3.35 -9.19 12.27
O2' ANP C . -3.22 -10.57 11.98
C1' ANP C . -2.13 -8.72 13.05
N9 ANP C . -2.43 -7.85 14.17
C8 ANP C . -2.76 -6.52 14.15
N7 ANP C . -2.99 -6.00 15.33
C5 ANP C . -2.80 -7.06 16.20
C6 ANP C . -2.91 -7.18 17.60
N6 ANP C . -3.31 -6.19 18.39
N1 ANP C . -2.63 -8.38 18.16
C2 ANP C . -2.31 -9.42 17.36
N3 ANP C . -2.19 -9.43 16.03
C4 ANP C . -2.45 -8.20 15.50
MG MG D . -5.42 -4.14 10.00
C1 T3W E . -5.03 1.07 15.08
C2 T3W E . -6.99 2.46 15.15
C3 T3W E . -5.38 0.48 16.28
C7 T3W E . -3.91 2.67 10.14
C8 T3W E . -6.31 3.41 12.52
C9 T3W E . -4.43 3.52 9.05
C10 T3W E . -5.52 2.56 13.19
C11 T3W E . -4.66 2.76 11.24
C12 T3W E . -6.23 4.34 10.23
C4 T3W E . -7.32 1.90 16.36
C5 T3W E . -5.82 2.05 14.52
C6 T3W E . -6.52 0.91 16.91
N13 T3W E . -5.48 4.28 9.08
N14 T3W E . -4.46 2.13 12.45
N15 T3W E . -5.76 3.58 11.28
O16 T3W E . -7.25 5.02 10.30
I17 T3W E . -7.07 0.08 18.74
S SO4 F . -15.60 11.38 3.90
O1 SO4 F . -14.99 12.69 3.72
O2 SO4 F . -16.22 10.98 2.63
O3 SO4 F . -16.60 11.46 4.96
O4 SO4 F . -14.57 10.42 4.27
PG ANP G . 7.42 2.54 -6.58
O1G ANP G . 7.77 1.62 -5.50
O2G ANP G . 6.17 1.99 -7.35
O3G ANP G . 8.67 2.64 -7.55
PB ANP G . 7.85 5.35 -5.79
O1B ANP G . 7.08 6.57 -5.62
O2B ANP G . 8.83 5.40 -7.02
N3B ANP G . 6.95 4.01 -6.05
PA ANP G . 10.14 4.49 -4.23
O1A ANP G . 10.57 3.58 -5.33
O2A ANP G . 10.09 3.77 -2.88
O3A ANP G . 8.67 5.05 -4.48
O5' ANP G . 11.08 5.77 -4.12
C5' ANP G . 10.73 6.94 -3.35
C4' ANP G . 11.60 8.07 -3.80
O4' ANP G . 12.98 7.70 -3.63
C3' ANP G . 11.47 8.42 -5.28
O3' ANP G . 10.40 9.35 -5.50
C2' ANP G . 12.83 9.03 -5.62
O2' ANP G . 12.85 10.43 -5.41
C1' ANP G . 13.76 8.43 -4.56
N9 ANP G . 14.80 7.57 -5.11
C8 ANP G . 14.71 6.24 -5.41
N7 ANP G . 15.83 5.70 -5.83
C5 ANP G . 16.73 6.76 -5.82
C6 ANP G . 18.07 6.86 -6.21
N6 ANP G . 18.80 5.84 -6.67
N1 ANP G . 18.67 8.06 -6.09
C2 ANP G . 17.97 9.10 -5.62
N3 ANP G . 16.68 9.12 -5.23
C4 ANP G . 16.11 7.92 -5.38
MG MG H . 10.17 3.95 -7.19
C1 T3W I . 14.77 -2.67 -9.81
C2 T3W I . 15.07 -1.20 -7.95
C3 T3W I . 15.89 -2.14 -10.41
C7 T3W I . 10.65 -2.70 -5.57
C8 T3W I . 12.16 -3.32 -8.62
C9 T3W I . 9.35 -3.35 -5.83
C10 T3W I . 13.11 -2.66 -7.97
C11 T3W I . 11.48 -2.81 -6.61
C12 T3W I . 9.87 -4.02 -7.98
C4 T3W I . 16.21 -0.69 -8.52
C5 T3W I . 14.35 -2.20 -8.58
C6 T3W I . 16.61 -1.15 -9.75
N13 T3W I . 8.99 -3.96 -6.93
N14 T3W I . 12.74 -2.31 -6.70
N15 T3W I . 11.11 -3.46 -7.75
O16 T3W I . 9.57 -4.57 -9.03
I17 T3W I . 18.33 -0.36 -10.62
S SO4 J . 28.42 11.24 -9.57
O1 SO4 J . 28.98 12.52 -9.98
O2 SO4 J . 29.43 10.18 -9.68
O3 SO4 J . 27.26 10.91 -10.41
O4 SO4 J . 27.98 11.35 -8.18
#